data_1NC5
#
_entry.id   1NC5
#
_cell.length_a   91.855
_cell.length_b   91.855
_cell.length_c   179.410
_cell.angle_alpha   90.00
_cell.angle_beta   90.00
_cell.angle_gamma   120.00
#
_symmetry.space_group_name_H-M   'P 61 2 2'
#
loop_
_entity.id
_entity.type
_entity.pdbx_description
1 polymer 'hypothetical protein yTER'
2 water water
#
_entity_poly.entity_id   1
_entity_poly.type   'polypeptide(L)'
_entity_poly.pdbx_seq_one_letter_code
;MGSMDQSIAVKSPLTYAEALANTIMNTYTVEELPPANRWHYHQGVFLCGVLRLWEATGEKRYFEYAKAYADLLIDDNGNL
LFRRDELDAIQAGLILFPLYEQTKDERYVKAAKRLRSLYGTLNRTSEGGFWHKDGYPYQMWLDGLYMGGPFALKYANLKQ
ETELFDQVVLQESLMRKHTKDAKTGLFYHAWDEAKKMPWANEETGCSPEFWARSIGWYVMSLADMIEELPKKHPNRHVWK
NTLQDMIKSICRYQDKETGLWYQIVDKGDRSDNWLESSGSCLYMYAIAKGINKGYLDRAYETTLLKAYQGLIQHKTETSE
DGAFLVKDICVGTSAGFYDYYVSRERSTNDLHGAGAFILAMTELEPLFRSAGK
;
_entity_poly.pdbx_strand_id   A
#
# COMPACT_ATOMS: atom_id res chain seq x y z
N LYS A 11 -0.41 22.83 9.70
CA LYS A 11 -1.39 21.91 10.34
C LYS A 11 -2.23 21.19 9.29
N SER A 12 -2.31 21.75 8.08
CA SER A 12 -3.08 21.12 7.02
C SER A 12 -2.29 19.91 6.50
N PRO A 13 -2.99 18.81 6.18
CA PRO A 13 -2.35 17.58 5.69
C PRO A 13 -1.33 17.76 4.56
N LEU A 14 -1.66 18.55 3.55
CA LEU A 14 -0.73 18.76 2.43
C LEU A 14 0.58 19.43 2.85
N THR A 15 0.54 20.23 3.91
CA THR A 15 1.74 20.90 4.39
C THR A 15 2.77 19.85 4.81
N TYR A 16 2.32 18.87 5.58
CA TYR A 16 3.20 17.79 6.04
C TYR A 16 3.64 16.91 4.87
N ALA A 17 2.72 16.68 3.93
CA ALA A 17 3.02 15.85 2.77
C ALA A 17 4.17 16.48 1.98
N GLU A 18 4.10 17.78 1.76
CA GLU A 18 5.15 18.48 1.03
C GLU A 18 6.47 18.49 1.80
N ALA A 19 6.39 18.65 3.12
CA ALA A 19 7.57 18.67 3.96
C ALA A 19 8.34 17.35 3.86
N LEU A 20 7.62 16.24 4.02
CA LEU A 20 8.25 14.92 3.94
C LEU A 20 8.76 14.63 2.53
N ALA A 21 7.97 14.96 1.53
CA ALA A 21 8.37 14.74 0.14
C ALA A 21 9.66 15.46 -0.17
N ASN A 22 9.73 16.75 0.18
CA ASN A 22 10.92 17.54 -0.08
C ASN A 22 12.13 17.02 0.69
N THR A 23 11.89 16.55 1.91
CA THR A 23 12.98 16.00 2.73
C THR A 23 13.60 14.78 2.06
N ILE A 24 12.76 13.84 1.61
CA ILE A 24 13.24 12.64 0.94
C ILE A 24 13.95 12.99 -0.38
N MET A 25 13.33 13.86 -1.17
CA MET A 25 13.91 14.26 -2.45
C MET A 25 15.25 14.96 -2.24
N ASN A 26 15.46 15.54 -1.07
CA ASN A 26 16.71 16.21 -0.79
C ASN A 26 17.74 15.20 -0.26
N THR A 27 17.24 14.13 0.36
CA THR A 27 18.12 13.10 0.89
C THR A 27 18.68 12.21 -0.22
N TYR A 28 17.87 11.95 -1.23
CA TYR A 28 18.27 11.08 -2.34
C TYR A 28 18.06 11.63 -3.74
N THR A 29 19.04 11.43 -4.61
CA THR A 29 18.88 11.82 -6.01
C THR A 29 18.11 10.58 -6.50
N VAL A 30 17.56 10.62 -7.71
CA VAL A 30 16.83 9.44 -8.17
C VAL A 30 17.75 8.22 -8.30
N GLU A 31 19.05 8.47 -8.50
CA GLU A 31 20.01 7.38 -8.61
C GLU A 31 20.26 6.71 -7.25
N GLU A 32 19.96 7.42 -6.16
CA GLU A 32 20.17 6.90 -4.81
C GLU A 32 18.91 6.37 -4.14
N LEU A 33 17.74 6.84 -4.58
CA LEU A 33 16.46 6.39 -4.01
C LEU A 33 16.53 4.87 -3.85
N PRO A 34 16.58 4.37 -2.60
CA PRO A 34 16.67 2.94 -2.25
C PRO A 34 15.48 2.02 -2.51
N PRO A 35 15.76 0.79 -2.99
CA PRO A 35 17.10 0.26 -3.30
C PRO A 35 17.67 0.94 -4.54
N ALA A 36 18.83 1.57 -4.39
CA ALA A 36 19.48 2.30 -5.47
C ALA A 36 19.52 1.60 -6.82
N ASN A 37 19.08 2.34 -7.84
CA ASN A 37 19.04 1.92 -9.24
C ASN A 37 18.31 0.60 -9.49
N ARG A 38 17.25 0.36 -8.72
CA ARG A 38 16.47 -0.85 -8.85
C ARG A 38 15.00 -0.47 -8.94
N TRP A 39 14.25 -1.17 -9.79
CA TRP A 39 12.82 -0.95 -9.96
C TRP A 39 12.16 -1.78 -8.85
N HIS A 40 11.54 -1.12 -7.88
CA HIS A 40 10.93 -1.83 -6.75
C HIS A 40 9.75 -1.05 -6.18
N TYR A 41 8.93 -1.70 -5.35
CA TYR A 41 7.76 -1.04 -4.80
C TYR A 41 8.04 0.01 -3.73
N HIS A 42 9.24 -0.01 -3.15
CA HIS A 42 9.60 0.99 -2.14
C HIS A 42 9.52 2.35 -2.83
N GLN A 43 10.23 2.50 -3.95
CA GLN A 43 10.21 3.76 -4.69
C GLN A 43 8.84 3.93 -5.35
N GLY A 44 8.28 2.82 -5.83
CA GLY A 44 6.96 2.87 -6.47
C GLY A 44 5.90 3.54 -5.60
N VAL A 45 5.78 3.12 -4.35
CA VAL A 45 4.76 3.71 -3.48
C VAL A 45 5.11 5.14 -3.08
N PHE A 46 6.39 5.43 -2.84
CA PHE A 46 6.77 6.79 -2.50
C PHE A 46 6.43 7.71 -3.66
N LEU A 47 6.76 7.29 -4.88
CA LEU A 47 6.49 8.11 -6.05
C LEU A 47 5.00 8.20 -6.39
N CYS A 48 4.22 7.18 -6.01
CA CYS A 48 2.79 7.25 -6.24
C CYS A 48 2.31 8.41 -5.37
N GLY A 49 2.90 8.53 -4.18
CA GLY A 49 2.55 9.60 -3.26
C GLY A 49 2.97 10.95 -3.82
N VAL A 50 4.19 11.02 -4.33
CA VAL A 50 4.73 12.25 -4.91
C VAL A 50 3.87 12.72 -6.09
N LEU A 51 3.43 11.77 -6.92
CA LEU A 51 2.61 12.11 -8.08
C LEU A 51 1.20 12.53 -7.64
N ARG A 52 0.72 11.95 -6.54
CA ARG A 52 -0.59 12.28 -6.02
C ARG A 52 -0.50 13.72 -5.48
N LEU A 53 0.67 14.04 -4.93
CA LEU A 53 0.93 15.38 -4.39
C LEU A 53 1.01 16.40 -5.54
N TRP A 54 1.58 15.97 -6.66
CA TRP A 54 1.70 16.82 -7.84
C TRP A 54 0.30 17.17 -8.35
N GLU A 55 -0.58 16.17 -8.36
CA GLU A 55 -1.96 16.39 -8.79
C GLU A 55 -2.63 17.41 -7.89
N ALA A 56 -2.37 17.30 -6.59
CA ALA A 56 -2.96 18.18 -5.59
C ALA A 56 -2.39 19.61 -5.57
N THR A 57 -1.07 19.73 -5.67
CA THR A 57 -0.43 21.04 -5.62
C THR A 57 -0.13 21.68 -6.97
N GLY A 58 -0.01 20.86 -8.02
CA GLY A 58 0.31 21.39 -9.34
C GLY A 58 1.77 21.80 -9.46
N GLU A 59 2.58 21.46 -8.47
CA GLU A 59 4.00 21.80 -8.50
C GLU A 59 4.83 20.82 -9.33
N LYS A 60 5.38 21.34 -10.42
CA LYS A 60 6.18 20.56 -11.36
C LYS A 60 7.34 19.75 -10.80
N ARG A 61 8.04 20.24 -9.79
CA ARG A 61 9.17 19.48 -9.27
C ARG A 61 8.79 18.07 -8.82
N TYR A 62 7.58 17.88 -8.32
CA TYR A 62 7.15 16.57 -7.87
C TYR A 62 7.04 15.62 -9.08
N PHE A 63 6.39 16.10 -10.14
CA PHE A 63 6.24 15.31 -11.34
C PHE A 63 7.61 14.96 -11.93
N GLU A 64 8.46 15.98 -12.06
CA GLU A 64 9.79 15.80 -12.62
C GLU A 64 10.63 14.76 -11.89
N TYR A 65 10.58 14.76 -10.56
CA TYR A 65 11.36 13.81 -9.77
C TYR A 65 10.91 12.38 -10.09
N ALA A 66 9.60 12.15 -10.03
CA ALA A 66 9.04 10.84 -10.33
C ALA A 66 9.44 10.42 -11.74
N LYS A 67 9.31 11.33 -12.70
CA LYS A 67 9.66 11.03 -14.08
C LYS A 67 11.14 10.67 -14.22
N ALA A 68 11.99 11.38 -13.47
CA ALA A 68 13.43 11.13 -13.50
C ALA A 68 13.77 9.71 -13.05
N TYR A 69 13.05 9.21 -12.04
CA TYR A 69 13.31 7.85 -11.57
C TYR A 69 12.87 6.86 -12.66
N ALA A 70 11.69 7.09 -13.22
CA ALA A 70 11.18 6.24 -14.28
C ALA A 70 12.16 6.20 -15.45
N ASP A 71 12.65 7.38 -15.85
CA ASP A 71 13.58 7.46 -16.98
C ASP A 71 14.95 6.89 -16.67
N LEU A 72 15.28 6.74 -15.39
CA LEU A 72 16.57 6.16 -15.02
C LEU A 72 16.52 4.65 -15.30
N LEU A 73 15.35 4.06 -15.07
CA LEU A 73 15.15 2.63 -15.25
C LEU A 73 14.56 2.15 -16.57
N ILE A 74 13.86 3.03 -17.28
CA ILE A 74 13.25 2.66 -18.55
C ILE A 74 13.99 3.40 -19.66
N ASP A 75 14.56 2.65 -20.61
CA ASP A 75 15.32 3.29 -21.69
C ASP A 75 14.49 3.80 -22.86
N ASP A 76 15.18 4.27 -23.90
CA ASP A 76 14.53 4.82 -25.09
C ASP A 76 13.49 3.91 -25.72
N ASN A 77 13.68 2.60 -25.58
CA ASN A 77 12.76 1.65 -26.18
C ASN A 77 11.78 1.00 -25.22
N GLY A 78 11.65 1.56 -24.02
CA GLY A 78 10.72 1.01 -23.05
C GLY A 78 11.22 -0.23 -22.32
N ASN A 79 12.50 -0.55 -22.48
CA ASN A 79 13.11 -1.71 -21.84
C ASN A 79 13.32 -1.44 -20.35
N LEU A 80 13.10 -2.48 -19.55
CA LEU A 80 13.22 -2.37 -18.10
C LEU A 80 13.77 -3.64 -17.45
N LEU A 81 14.65 -3.48 -16.47
CA LEU A 81 15.20 -4.61 -15.74
C LEU A 81 14.46 -4.63 -14.39
N PHE A 82 14.02 -5.81 -13.98
CA PHE A 82 13.28 -5.94 -12.72
C PHE A 82 13.30 -7.40 -12.26
N ARG A 83 12.82 -7.67 -11.05
CA ARG A 83 12.79 -9.04 -10.52
C ARG A 83 11.61 -9.74 -11.19
N ARG A 84 11.90 -10.53 -12.22
CA ARG A 84 10.88 -11.20 -13.01
C ARG A 84 9.90 -12.20 -12.39
N ASP A 85 10.10 -12.55 -11.13
CA ASP A 85 9.21 -13.52 -10.48
C ASP A 85 8.40 -12.91 -9.34
N GLU A 86 8.58 -11.62 -9.09
CA GLU A 86 7.91 -10.97 -7.96
C GLU A 86 6.71 -10.09 -8.24
N LEU A 87 5.68 -10.23 -7.41
CA LEU A 87 4.51 -9.35 -7.55
C LEU A 87 5.03 -7.96 -7.17
N ASP A 88 6.03 -7.94 -6.29
CA ASP A 88 6.66 -6.70 -5.83
C ASP A 88 7.14 -5.82 -6.99
N ALA A 89 7.54 -6.46 -8.08
CA ALA A 89 8.05 -5.75 -9.27
C ALA A 89 6.98 -4.98 -10.04
N ILE A 90 5.74 -5.43 -9.90
CA ILE A 90 4.63 -4.82 -10.62
C ILE A 90 4.13 -3.49 -10.05
N GLN A 91 4.18 -3.34 -8.73
CA GLN A 91 3.67 -2.13 -8.08
C GLN A 91 4.14 -0.79 -8.65
N ALA A 92 5.44 -0.63 -8.89
CA ALA A 92 5.95 0.64 -9.40
C ALA A 92 5.33 1.03 -10.74
N GLY A 93 4.77 0.04 -11.45
CA GLY A 93 4.13 0.31 -12.72
C GLY A 93 2.99 1.30 -12.57
N LEU A 94 2.50 1.47 -11.34
CA LEU A 94 1.42 2.42 -11.10
C LEU A 94 1.79 3.85 -11.47
N ILE A 95 3.07 4.19 -11.42
CA ILE A 95 3.50 5.54 -11.76
C ILE A 95 3.49 5.78 -13.27
N LEU A 96 3.45 4.70 -14.03
CA LEU A 96 3.47 4.80 -15.49
C LEU A 96 2.20 5.39 -16.09
N PHE A 97 1.07 5.23 -15.42
CA PHE A 97 -0.18 5.76 -15.94
C PHE A 97 -0.23 7.28 -15.92
N PRO A 98 0.06 7.91 -14.76
CA PRO A 98 0.02 9.37 -14.77
C PRO A 98 1.15 9.97 -15.63
N LEU A 99 2.28 9.27 -15.72
CA LEU A 99 3.39 9.74 -16.53
C LEU A 99 3.02 9.71 -18.01
N TYR A 100 2.32 8.66 -18.42
CA TYR A 100 1.90 8.53 -19.81
C TYR A 100 0.82 9.56 -20.15
N GLU A 101 -0.16 9.69 -19.26
CA GLU A 101 -1.25 10.63 -19.47
C GLU A 101 -0.76 12.05 -19.68
N GLN A 102 0.32 12.41 -18.98
CA GLN A 102 0.89 13.76 -19.06
C GLN A 102 1.81 13.98 -20.24
N THR A 103 2.62 12.98 -20.57
CA THR A 103 3.59 13.09 -21.66
C THR A 103 3.18 12.42 -22.98
N LYS A 104 2.35 11.40 -22.89
CA LYS A 104 1.93 10.63 -24.06
C LYS A 104 3.14 9.91 -24.68
N ASP A 105 4.17 9.72 -23.87
CA ASP A 105 5.40 9.04 -24.31
C ASP A 105 5.15 7.54 -24.22
N GLU A 106 5.11 6.87 -25.37
CA GLU A 106 4.85 5.43 -25.42
C GLU A 106 5.81 4.54 -24.64
N ARG A 107 7.00 5.04 -24.33
CA ARG A 107 7.95 4.23 -23.57
C ARG A 107 7.29 3.70 -22.30
N TYR A 108 6.49 4.55 -21.65
CA TYR A 108 5.81 4.16 -20.42
C TYR A 108 4.75 3.08 -20.64
N VAL A 109 4.08 3.12 -21.79
CA VAL A 109 3.08 2.11 -22.10
C VAL A 109 3.79 0.80 -22.39
N LYS A 110 4.92 0.89 -23.09
CA LYS A 110 5.70 -0.31 -23.41
C LYS A 110 6.21 -0.98 -22.14
N ALA A 111 6.71 -0.20 -21.20
CA ALA A 111 7.20 -0.76 -19.94
C ALA A 111 6.04 -1.37 -19.17
N ALA A 112 4.87 -0.72 -19.24
CA ALA A 112 3.69 -1.21 -18.54
C ALA A 112 3.28 -2.58 -19.07
N LYS A 113 3.42 -2.74 -20.38
CA LYS A 113 3.06 -3.99 -21.02
C LYS A 113 3.98 -5.12 -20.58
N ARG A 114 5.24 -4.80 -20.31
CA ARG A 114 6.18 -5.82 -19.86
C ARG A 114 5.74 -6.36 -18.50
N LEU A 115 5.32 -5.45 -17.62
CA LEU A 115 4.88 -5.83 -16.29
C LEU A 115 3.55 -6.56 -16.33
N ARG A 116 2.64 -6.08 -17.16
CA ARG A 116 1.33 -6.70 -17.32
C ARG A 116 1.47 -8.12 -17.85
N SER A 117 2.50 -8.36 -18.66
CA SER A 117 2.72 -9.68 -19.21
C SER A 117 3.22 -10.70 -18.19
N LEU A 118 3.64 -10.21 -17.02
CA LEU A 118 4.13 -11.09 -15.98
C LEU A 118 3.06 -12.04 -15.42
N TYR A 119 1.83 -11.56 -15.32
CA TYR A 119 0.76 -12.38 -14.76
C TYR A 119 0.67 -13.76 -15.41
N GLY A 120 0.89 -13.82 -16.72
CA GLY A 120 0.82 -15.10 -17.41
C GLY A 120 2.01 -16.02 -17.17
N THR A 121 3.10 -15.46 -16.63
CA THR A 121 4.31 -16.24 -16.38
C THR A 121 4.48 -16.72 -14.94
N LEU A 122 3.74 -16.14 -14.00
CA LEU A 122 3.91 -16.50 -12.59
C LEU A 122 3.25 -17.82 -12.19
N ASN A 123 3.85 -18.47 -11.19
CA ASN A 123 3.32 -19.74 -10.71
C ASN A 123 2.13 -19.44 -9.79
N ARG A 124 1.25 -20.42 -9.63
CA ARG A 124 0.03 -20.23 -8.83
C ARG A 124 -0.36 -21.39 -7.93
N THR A 125 -1.25 -21.10 -6.97
CA THR A 125 -1.77 -22.12 -6.07
C THR A 125 -2.79 -22.92 -6.90
N SER A 126 -3.30 -24.02 -6.35
CA SER A 126 -4.25 -24.87 -7.06
C SER A 126 -5.51 -24.16 -7.56
N GLU A 127 -5.93 -23.12 -6.86
CA GLU A 127 -7.14 -22.37 -7.26
C GLU A 127 -6.82 -21.17 -8.14
N GLY A 128 -5.55 -20.92 -8.41
CA GLY A 128 -5.18 -19.79 -9.25
C GLY A 128 -4.54 -18.59 -8.59
N GLY A 129 -4.30 -18.65 -7.29
CA GLY A 129 -3.69 -17.52 -6.61
C GLY A 129 -2.20 -17.42 -6.91
N PHE A 130 -1.72 -16.22 -7.21
CA PHE A 130 -0.31 -16.02 -7.52
C PHE A 130 0.60 -16.29 -6.33
N TRP A 131 1.74 -16.93 -6.59
CA TRP A 131 2.74 -17.16 -5.54
C TRP A 131 3.27 -15.75 -5.31
N HIS A 132 3.64 -15.41 -4.08
CA HIS A 132 4.16 -14.08 -3.84
C HIS A 132 5.45 -13.86 -4.65
N LYS A 133 6.26 -14.92 -4.71
CA LYS A 133 7.53 -14.93 -5.47
C LYS A 133 7.86 -16.38 -5.79
N ASP A 134 8.81 -16.61 -6.70
CA ASP A 134 9.20 -17.98 -7.00
C ASP A 134 9.76 -18.58 -5.71
N GLY A 135 10.44 -17.74 -4.92
CA GLY A 135 11.04 -18.18 -3.67
C GLY A 135 10.08 -18.43 -2.51
N TYR A 136 8.80 -18.16 -2.72
CA TYR A 136 7.77 -18.38 -1.70
C TYR A 136 6.69 -19.26 -2.35
N PRO A 137 7.06 -20.50 -2.72
CA PRO A 137 6.11 -21.43 -3.36
C PRO A 137 4.79 -21.66 -2.62
N TYR A 138 3.70 -21.50 -3.36
CA TYR A 138 2.34 -21.71 -2.84
C TYR A 138 1.93 -20.77 -1.70
N GLN A 139 2.63 -19.65 -1.57
CA GLN A 139 2.34 -18.70 -0.52
C GLN A 139 1.73 -17.41 -1.04
N MET A 140 0.59 -17.02 -0.47
CA MET A 140 -0.08 -15.78 -0.83
C MET A 140 0.10 -14.84 0.38
N TRP A 141 0.66 -13.65 0.17
CA TRP A 141 0.85 -12.67 1.24
C TRP A 141 -0.10 -11.51 0.97
N LEU A 142 -0.75 -10.97 2.00
CA LEU A 142 -1.68 -9.86 1.80
C LEU A 142 -1.07 -8.71 1.00
N ASP A 143 0.21 -8.43 1.24
CA ASP A 143 0.91 -7.33 0.55
C ASP A 143 0.71 -7.41 -0.96
N GLY A 144 0.69 -8.64 -1.46
CA GLY A 144 0.55 -8.89 -2.88
C GLY A 144 -0.70 -8.33 -3.53
N LEU A 145 -1.75 -8.11 -2.75
CA LEU A 145 -2.97 -7.57 -3.33
C LEU A 145 -2.69 -6.15 -3.82
N TYR A 146 -1.92 -5.39 -3.05
CA TYR A 146 -1.59 -4.03 -3.46
C TYR A 146 -0.50 -4.04 -4.54
N MET A 147 0.45 -4.96 -4.42
CA MET A 147 1.54 -5.02 -5.42
C MET A 147 1.02 -5.32 -6.82
N GLY A 148 0.03 -6.20 -6.93
CA GLY A 148 -0.48 -6.57 -8.26
C GLY A 148 -1.92 -6.25 -8.62
N GLY A 149 -2.75 -5.90 -7.65
CA GLY A 149 -4.15 -5.61 -7.92
C GLY A 149 -4.45 -4.28 -8.62
N PRO A 150 -4.15 -3.14 -7.97
CA PRO A 150 -4.40 -1.83 -8.58
C PRO A 150 -3.82 -1.68 -9.99
N PHE A 151 -2.59 -2.16 -10.19
CA PHE A 151 -1.95 -2.06 -11.50
C PHE A 151 -2.78 -2.74 -12.57
N ALA A 152 -3.26 -3.95 -12.26
CA ALA A 152 -4.08 -4.71 -13.20
C ALA A 152 -5.31 -3.94 -13.66
N LEU A 153 -5.99 -3.29 -12.73
CA LEU A 153 -7.20 -2.54 -13.07
C LEU A 153 -6.89 -1.29 -13.88
N LYS A 154 -5.81 -0.59 -13.52
CA LYS A 154 -5.42 0.61 -14.26
C LYS A 154 -5.15 0.21 -15.72
N TYR A 155 -4.43 -0.91 -15.88
CA TYR A 155 -4.09 -1.41 -17.21
C TYR A 155 -5.33 -1.86 -17.96
N ALA A 156 -6.24 -2.54 -17.26
CA ALA A 156 -7.48 -3.02 -17.88
C ALA A 156 -8.25 -1.86 -18.48
N ASN A 157 -8.30 -0.74 -17.77
CA ASN A 157 -9.02 0.43 -18.27
C ASN A 157 -8.27 1.15 -19.38
N LEU A 158 -6.94 1.11 -19.34
CA LEU A 158 -6.15 1.77 -20.37
C LEU A 158 -6.24 1.01 -21.69
N LYS A 159 -6.13 -0.31 -21.63
CA LYS A 159 -6.15 -1.16 -22.82
C LYS A 159 -7.44 -1.97 -23.03
N GLN A 160 -8.48 -1.65 -22.28
CA GLN A 160 -9.75 -2.38 -22.37
C GLN A 160 -9.54 -3.88 -22.44
N GLU A 161 -8.95 -4.43 -21.39
CA GLU A 161 -8.71 -5.86 -21.29
C GLU A 161 -9.46 -6.33 -20.06
N THR A 162 -10.73 -6.66 -20.25
CA THR A 162 -11.61 -7.10 -19.16
C THR A 162 -11.18 -8.35 -18.42
N GLU A 163 -10.29 -9.16 -19.00
CA GLU A 163 -9.86 -10.38 -18.31
C GLU A 163 -9.14 -10.03 -17.00
N LEU A 164 -8.55 -8.84 -16.96
CA LEU A 164 -7.84 -8.40 -15.76
C LEU A 164 -8.78 -8.12 -14.60
N PHE A 165 -10.05 -7.82 -14.90
CA PHE A 165 -11.00 -7.59 -13.83
C PHE A 165 -11.27 -8.94 -13.17
N ASP A 166 -11.46 -9.98 -13.98
CA ASP A 166 -11.71 -11.31 -13.44
C ASP A 166 -10.51 -11.75 -12.60
N GLN A 167 -9.31 -11.39 -13.07
CA GLN A 167 -8.08 -11.76 -12.38
C GLN A 167 -8.01 -11.22 -10.95
N VAL A 168 -8.18 -9.92 -10.80
CA VAL A 168 -8.13 -9.30 -9.47
C VAL A 168 -9.25 -9.83 -8.58
N VAL A 169 -10.44 -10.01 -9.15
CA VAL A 169 -11.56 -10.53 -8.38
C VAL A 169 -11.19 -11.90 -7.80
N LEU A 170 -10.57 -12.75 -8.62
CA LEU A 170 -10.16 -14.07 -8.15
C LEU A 170 -9.09 -13.98 -7.06
N GLN A 171 -8.03 -13.22 -7.33
CA GLN A 171 -6.96 -13.07 -6.35
C GLN A 171 -7.48 -12.61 -4.99
N GLU A 172 -8.33 -11.58 -4.99
CA GLU A 172 -8.88 -11.05 -3.74
C GLU A 172 -9.80 -12.06 -3.05
N SER A 173 -10.63 -12.76 -3.83
CA SER A 173 -11.53 -13.73 -3.21
C SER A 173 -10.74 -14.85 -2.54
N LEU A 174 -9.63 -15.27 -3.16
CA LEU A 174 -8.82 -16.33 -2.58
C LEU A 174 -8.10 -15.90 -1.30
N MET A 175 -7.55 -14.69 -1.30
CA MET A 175 -6.86 -14.18 -0.12
C MET A 175 -7.84 -14.05 1.04
N ARG A 176 -9.00 -13.49 0.77
CA ARG A 176 -10.01 -13.31 1.80
C ARG A 176 -10.51 -14.65 2.33
N LYS A 177 -10.74 -15.59 1.42
CA LYS A 177 -11.22 -16.90 1.83
C LYS A 177 -10.26 -17.58 2.80
N HIS A 178 -8.97 -17.54 2.49
CA HIS A 178 -7.98 -18.21 3.33
C HIS A 178 -7.40 -17.46 4.51
N THR A 179 -7.32 -16.14 4.45
CA THR A 179 -6.71 -15.39 5.56
C THR A 179 -7.63 -14.67 6.54
N LYS A 180 -8.90 -14.49 6.16
CA LYS A 180 -9.83 -13.78 7.05
C LYS A 180 -10.19 -14.54 8.32
N ASP A 181 -10.02 -13.89 9.47
CA ASP A 181 -10.36 -14.48 10.76
C ASP A 181 -11.78 -14.06 11.11
N ALA A 182 -12.67 -15.03 11.21
CA ALA A 182 -14.07 -14.75 11.52
C ALA A 182 -14.23 -14.07 12.89
N LYS A 183 -13.43 -14.49 13.86
CA LYS A 183 -13.50 -13.92 15.20
C LYS A 183 -13.26 -12.41 15.28
N THR A 184 -12.08 -11.96 14.88
CA THR A 184 -11.74 -10.54 14.96
C THR A 184 -12.04 -9.73 13.71
N GLY A 185 -12.16 -10.40 12.57
CA GLY A 185 -12.42 -9.67 11.33
C GLY A 185 -11.12 -9.25 10.67
N LEU A 186 -10.00 -9.53 11.33
CA LEU A 186 -8.69 -9.19 10.77
C LEU A 186 -8.23 -10.32 9.84
N PHE A 187 -7.23 -10.05 9.02
CA PHE A 187 -6.69 -11.03 8.06
C PHE A 187 -5.24 -11.38 8.39
N TYR A 188 -4.92 -12.68 8.43
CA TYR A 188 -3.55 -13.12 8.71
C TYR A 188 -2.63 -12.71 7.55
N HIS A 189 -1.39 -12.37 7.89
CA HIS A 189 -0.42 -11.93 6.90
C HIS A 189 -0.27 -12.82 5.66
N ALA A 190 -0.15 -14.12 5.88
CA ALA A 190 0.05 -15.02 4.75
C ALA A 190 -0.60 -16.38 4.89
N TRP A 191 -0.68 -17.08 3.76
CA TRP A 191 -1.28 -18.41 3.67
C TRP A 191 -0.42 -19.29 2.78
N ASP A 192 -0.07 -20.47 3.27
CA ASP A 192 0.74 -21.42 2.51
C ASP A 192 -0.10 -22.63 2.16
N GLU A 193 -0.52 -22.74 0.90
CA GLU A 193 -1.35 -23.86 0.49
C GLU A 193 -0.64 -25.20 0.69
N ALA A 194 0.69 -25.22 0.56
CA ALA A 194 1.46 -26.45 0.72
C ALA A 194 1.73 -26.84 2.18
N LYS A 195 1.47 -25.92 3.10
CA LYS A 195 1.70 -26.17 4.53
C LYS A 195 3.11 -26.69 4.78
N LYS A 196 4.10 -26.02 4.18
CA LYS A 196 5.49 -26.43 4.33
C LYS A 196 6.32 -25.42 5.13
N MET A 197 5.88 -24.17 5.15
CA MET A 197 6.61 -23.15 5.89
C MET A 197 6.40 -23.33 7.39
N PRO A 198 7.42 -23.03 8.21
CA PRO A 198 7.31 -23.18 9.66
C PRO A 198 6.19 -22.35 10.30
N TRP A 199 5.82 -21.25 9.65
CA TRP A 199 4.77 -20.38 10.16
C TRP A 199 3.36 -20.79 9.73
N ALA A 200 3.25 -21.78 8.84
CA ALA A 200 1.94 -22.21 8.37
C ALA A 200 1.18 -23.07 9.36
N ASN A 201 0.00 -22.61 9.75
CA ASN A 201 -0.87 -23.34 10.67
C ASN A 201 -1.16 -24.70 10.04
N GLU A 202 -0.94 -25.77 10.80
CA GLU A 202 -1.15 -27.12 10.26
C GLU A 202 -2.58 -27.41 9.78
N GLU A 203 -3.54 -26.63 10.25
CA GLU A 203 -4.92 -26.84 9.84
C GLU A 203 -5.41 -25.84 8.78
N THR A 204 -5.07 -24.57 8.95
CA THR A 204 -5.51 -23.53 8.01
C THR A 204 -4.45 -23.10 7.01
N GLY A 205 -3.19 -23.30 7.34
CA GLY A 205 -2.10 -22.92 6.46
C GLY A 205 -1.71 -21.45 6.61
N CYS A 206 -2.41 -20.73 7.49
CA CYS A 206 -2.15 -19.31 7.72
C CYS A 206 -1.01 -19.03 8.68
N SER A 207 -0.42 -17.84 8.54
CA SER A 207 0.63 -17.40 9.45
C SER A 207 -0.14 -17.06 10.74
N PRO A 208 0.55 -16.99 11.89
CA PRO A 208 -0.11 -16.70 13.17
C PRO A 208 -0.53 -15.30 13.62
N GLU A 209 0.01 -14.25 13.02
CA GLU A 209 -0.32 -12.91 13.47
C GLU A 209 -0.96 -11.95 12.49
N PHE A 210 -1.57 -10.89 13.05
CA PHE A 210 -2.18 -9.83 12.27
C PHE A 210 -1.14 -8.70 12.27
N TRP A 211 -0.35 -8.64 11.20
CA TRP A 211 0.70 -7.62 11.07
C TRP A 211 0.16 -6.39 10.33
N ALA A 212 0.11 -5.28 11.07
CA ALA A 212 -0.44 -4.02 10.60
C ALA A 212 -0.30 -3.60 9.15
N ARG A 213 0.93 -3.40 8.66
CA ARG A 213 1.10 -2.96 7.28
C ARG A 213 0.43 -3.84 6.23
N SER A 214 0.54 -5.16 6.39
CA SER A 214 -0.05 -6.06 5.41
C SER A 214 -1.55 -5.83 5.27
N ILE A 215 -2.24 -5.66 6.41
CA ILE A 215 -3.68 -5.41 6.38
C ILE A 215 -3.92 -4.04 5.78
N GLY A 216 -2.98 -3.12 6.02
CA GLY A 216 -3.07 -1.77 5.48
C GLY A 216 -3.05 -1.77 3.95
N TRP A 217 -2.17 -2.56 3.36
CA TRP A 217 -2.09 -2.65 1.90
C TRP A 217 -3.42 -3.19 1.36
N TYR A 218 -4.02 -4.13 2.09
CA TYR A 218 -5.29 -4.73 1.69
C TYR A 218 -6.39 -3.68 1.63
N VAL A 219 -6.57 -2.92 2.71
CA VAL A 219 -7.62 -1.90 2.69
C VAL A 219 -7.34 -0.74 1.73
N MET A 220 -6.08 -0.35 1.54
CA MET A 220 -5.78 0.71 0.59
C MET A 220 -6.24 0.22 -0.79
N SER A 221 -5.92 -1.03 -1.10
CA SER A 221 -6.29 -1.63 -2.38
C SER A 221 -7.80 -1.60 -2.62
N LEU A 222 -8.58 -2.13 -1.69
CA LEU A 222 -10.04 -2.13 -1.85
C LEU A 222 -10.57 -0.71 -2.04
N ALA A 223 -10.07 0.23 -1.23
CA ALA A 223 -10.51 1.62 -1.30
C ALA A 223 -10.24 2.27 -2.65
N ASP A 224 -9.14 1.86 -3.30
CA ASP A 224 -8.76 2.42 -4.60
C ASP A 224 -9.33 1.67 -5.80
N MET A 225 -9.51 0.36 -5.66
CA MET A 225 -9.96 -0.46 -6.79
C MET A 225 -11.45 -0.43 -7.15
N ILE A 226 -12.31 -0.11 -6.19
CA ILE A 226 -13.74 -0.08 -6.46
C ILE A 226 -14.11 0.82 -7.64
N GLU A 227 -13.54 2.03 -7.67
CA GLU A 227 -13.84 2.98 -8.73
C GLU A 227 -13.31 2.62 -10.11
N GLU A 228 -12.40 1.65 -10.18
CA GLU A 228 -11.80 1.22 -11.44
C GLU A 228 -12.66 0.17 -12.14
N LEU A 229 -13.57 -0.45 -11.39
CA LEU A 229 -14.44 -1.47 -11.94
C LEU A 229 -15.49 -0.88 -12.88
N PRO A 230 -16.01 -1.72 -13.79
CA PRO A 230 -17.03 -1.20 -14.70
C PRO A 230 -18.25 -0.84 -13.85
N LYS A 231 -19.13 0.01 -14.36
CA LYS A 231 -20.32 0.37 -13.60
C LYS A 231 -21.15 -0.91 -13.50
N LYS A 232 -21.80 -1.11 -12.36
CA LYS A 232 -22.64 -2.30 -12.15
C LYS A 232 -21.87 -3.60 -11.90
N HIS A 233 -20.54 -3.56 -11.94
CA HIS A 233 -19.75 -4.76 -11.69
C HIS A 233 -20.11 -5.34 -10.32
N PRO A 234 -20.22 -6.68 -10.21
CA PRO A 234 -20.56 -7.35 -8.96
C PRO A 234 -19.68 -6.97 -7.77
N ASN A 235 -18.40 -6.77 -8.03
CA ASN A 235 -17.49 -6.44 -6.94
C ASN A 235 -17.53 -5.03 -6.39
N ARG A 236 -18.32 -4.17 -7.00
CA ARG A 236 -18.43 -2.83 -6.46
C ARG A 236 -19.13 -2.98 -5.10
N HIS A 237 -20.07 -3.91 -5.03
CA HIS A 237 -20.78 -4.14 -3.78
C HIS A 237 -19.96 -5.03 -2.84
N VAL A 238 -19.36 -6.08 -3.40
CA VAL A 238 -18.55 -7.01 -2.60
C VAL A 238 -17.37 -6.30 -1.93
N TRP A 239 -16.63 -5.50 -2.69
CA TRP A 239 -15.48 -4.82 -2.12
C TRP A 239 -15.87 -3.70 -1.16
N LYS A 240 -17.01 -3.07 -1.39
CA LYS A 240 -17.46 -2.02 -0.48
C LYS A 240 -17.80 -2.64 0.87
N ASN A 241 -18.53 -3.75 0.84
CA ASN A 241 -18.92 -4.44 2.06
C ASN A 241 -17.71 -5.00 2.80
N THR A 242 -16.75 -5.54 2.05
CA THR A 242 -15.55 -6.11 2.64
C THR A 242 -14.75 -5.01 3.34
N LEU A 243 -14.62 -3.85 2.68
CA LEU A 243 -13.90 -2.73 3.25
C LEU A 243 -14.58 -2.25 4.53
N GLN A 244 -15.89 -2.11 4.50
CA GLN A 244 -16.64 -1.66 5.67
C GLN A 244 -16.39 -2.56 6.87
N ASP A 245 -16.41 -3.87 6.64
CA ASP A 245 -16.17 -4.83 7.72
C ASP A 245 -14.72 -4.80 8.23
N MET A 246 -13.77 -4.71 7.31
CA MET A 246 -12.36 -4.67 7.69
C MET A 246 -12.06 -3.41 8.50
N ILE A 247 -12.59 -2.28 8.05
CA ILE A 247 -12.37 -1.01 8.74
C ILE A 247 -12.98 -1.07 10.14
N LYS A 248 -14.18 -1.63 10.26
CA LYS A 248 -14.80 -1.73 11.58
C LYS A 248 -13.90 -2.55 12.50
N SER A 249 -13.38 -3.66 11.97
CA SER A 249 -12.50 -4.55 12.74
C SER A 249 -11.23 -3.84 13.16
N ILE A 250 -10.61 -3.14 12.20
CA ILE A 250 -9.37 -2.41 12.46
C ILE A 250 -9.54 -1.32 13.51
N CYS A 251 -10.62 -0.54 13.40
CA CYS A 251 -10.85 0.56 14.33
C CYS A 251 -11.08 0.13 15.78
N ARG A 252 -11.52 -1.10 15.97
CA ARG A 252 -11.74 -1.58 17.33
C ARG A 252 -10.39 -1.65 18.07
N TYR A 253 -9.29 -1.70 17.30
CA TYR A 253 -7.96 -1.79 17.89
C TYR A 253 -7.15 -0.50 17.90
N GLN A 254 -7.78 0.60 17.53
CA GLN A 254 -7.08 1.88 17.54
C GLN A 254 -6.67 2.21 18.98
N ASP A 255 -5.45 2.70 19.16
CA ASP A 255 -4.97 3.04 20.50
C ASP A 255 -5.73 4.26 21.04
N LYS A 256 -6.41 4.07 22.16
CA LYS A 256 -7.19 5.13 22.77
C LYS A 256 -6.35 6.37 23.09
N GLU A 257 -5.13 6.13 23.58
CA GLU A 257 -4.23 7.21 23.95
C GLU A 257 -3.58 7.97 22.80
N THR A 258 -3.04 7.27 21.81
CA THR A 258 -2.38 7.93 20.69
C THR A 258 -3.20 8.02 19.42
N GLY A 259 -4.19 7.15 19.27
CA GLY A 259 -4.99 7.14 18.07
C GLY A 259 -4.33 6.34 16.96
N LEU A 260 -3.19 5.72 17.27
CA LEU A 260 -2.45 4.93 16.28
C LEU A 260 -2.68 3.41 16.46
N TRP A 261 -2.04 2.62 15.60
CA TRP A 261 -2.18 1.16 15.64
C TRP A 261 -0.83 0.46 15.87
N TYR A 262 -0.90 -0.73 16.47
CA TYR A 262 0.28 -1.53 16.81
C TYR A 262 0.81 -2.43 15.71
N GLN A 263 2.13 -2.68 15.73
CA GLN A 263 2.80 -3.56 14.78
C GLN A 263 1.97 -4.84 14.64
N ILE A 264 1.60 -5.42 15.77
CA ILE A 264 0.73 -6.59 15.79
C ILE A 264 -0.57 -5.98 16.31
N VAL A 265 -1.49 -5.79 15.38
CA VAL A 265 -2.78 -5.15 15.63
C VAL A 265 -3.61 -5.45 16.87
N ASP A 266 -3.83 -6.72 17.17
CA ASP A 266 -4.66 -7.12 18.30
C ASP A 266 -3.97 -7.38 19.65
N LYS A 267 -2.69 -7.07 19.75
CA LYS A 267 -1.97 -7.33 21.00
C LYS A 267 -1.27 -6.11 21.58
N GLY A 268 -1.96 -4.97 21.56
CA GLY A 268 -1.39 -3.73 22.08
C GLY A 268 -1.03 -3.72 23.57
N ASP A 269 -1.52 -4.70 24.32
CA ASP A 269 -1.24 -4.78 25.76
C ASP A 269 0.14 -5.37 26.06
N ARG A 270 0.71 -6.06 25.09
CA ARG A 270 2.03 -6.66 25.29
C ARG A 270 3.10 -5.58 25.28
N SER A 271 3.95 -5.60 26.30
CA SER A 271 5.00 -4.60 26.43
C SER A 271 6.05 -4.61 25.32
N ASP A 272 6.18 -5.72 24.59
CA ASP A 272 7.17 -5.79 23.51
C ASP A 272 6.57 -5.38 22.17
N ASN A 273 5.30 -5.01 22.17
CA ASN A 273 4.63 -4.56 20.96
C ASN A 273 4.87 -3.05 20.88
N TRP A 274 4.53 -2.42 19.77
CA TRP A 274 4.74 -0.99 19.63
C TRP A 274 3.87 -0.40 18.53
N LEU A 275 3.62 0.90 18.62
CA LEU A 275 2.82 1.62 17.64
C LEU A 275 3.66 1.79 16.38
N GLU A 276 3.13 1.34 15.25
CA GLU A 276 3.86 1.39 13.98
C GLU A 276 3.24 2.42 13.01
N SER A 277 4.10 3.20 12.37
CA SER A 277 3.65 4.28 11.48
C SER A 277 3.09 3.97 10.09
N SER A 278 3.73 3.08 9.34
CA SER A 278 3.25 2.78 7.99
C SER A 278 1.85 2.17 7.98
N GLY A 279 1.59 1.20 8.85
CA GLY A 279 0.27 0.59 8.90
C GLY A 279 -0.79 1.62 9.29
N SER A 280 -0.46 2.43 10.30
CA SER A 280 -1.37 3.47 10.77
C SER A 280 -1.73 4.42 9.62
N CYS A 281 -0.72 4.83 8.85
CA CYS A 281 -0.98 5.73 7.72
C CYS A 281 -1.82 5.08 6.64
N LEU A 282 -1.62 3.77 6.41
CA LEU A 282 -2.41 3.05 5.41
C LEU A 282 -3.88 2.98 5.83
N TYR A 283 -4.13 2.82 7.13
CA TYR A 283 -5.51 2.78 7.63
C TYR A 283 -6.13 4.17 7.47
N MET A 284 -5.33 5.20 7.76
CA MET A 284 -5.80 6.58 7.62
C MET A 284 -6.21 6.81 6.16
N TYR A 285 -5.39 6.35 5.23
CA TYR A 285 -5.68 6.51 3.81
C TYR A 285 -6.98 5.82 3.42
N ALA A 286 -7.11 4.55 3.81
CA ALA A 286 -8.31 3.79 3.47
C ALA A 286 -9.57 4.40 4.07
N ILE A 287 -9.47 4.86 5.31
CA ILE A 287 -10.63 5.47 5.97
C ILE A 287 -11.01 6.78 5.27
N ALA A 288 -10.03 7.65 5.02
CA ALA A 288 -10.29 8.93 4.35
C ALA A 288 -10.84 8.67 2.95
N LYS A 289 -10.18 7.78 2.21
CA LYS A 289 -10.62 7.44 0.87
C LYS A 289 -12.04 6.88 0.88
N GLY A 290 -12.32 5.98 1.83
CA GLY A 290 -13.64 5.39 1.94
C GLY A 290 -14.72 6.41 2.20
N ILE A 291 -14.43 7.37 3.07
CA ILE A 291 -15.38 8.43 3.39
C ILE A 291 -15.60 9.31 2.17
N ASN A 292 -14.51 9.73 1.53
CA ASN A 292 -14.61 10.58 0.35
C ASN A 292 -15.43 9.99 -0.78
N LYS A 293 -15.28 8.68 -1.01
CA LYS A 293 -16.03 8.01 -2.08
C LYS A 293 -17.43 7.54 -1.64
N GLY A 294 -17.70 7.62 -0.34
CA GLY A 294 -19.00 7.19 0.15
C GLY A 294 -19.13 5.72 0.51
N TYR A 295 -18.00 5.02 0.61
CA TYR A 295 -18.03 3.60 0.97
C TYR A 295 -18.17 3.41 2.48
N LEU A 296 -17.77 4.43 3.24
CA LEU A 296 -17.81 4.39 4.70
C LEU A 296 -18.60 5.56 5.28
N ASP A 297 -19.28 5.33 6.40
CA ASP A 297 -20.06 6.37 7.05
C ASP A 297 -19.12 7.50 7.47
N ARG A 298 -19.56 8.74 7.28
CA ARG A 298 -18.74 9.91 7.63
C ARG A 298 -18.38 9.97 9.11
N ALA A 299 -19.04 9.16 9.94
CA ALA A 299 -18.75 9.16 11.36
C ALA A 299 -17.31 8.73 11.67
N TYR A 300 -16.67 8.06 10.71
CA TYR A 300 -15.28 7.62 10.89
C TYR A 300 -14.30 8.79 10.90
N GLU A 301 -14.82 9.98 10.59
CA GLU A 301 -13.99 11.18 10.56
C GLU A 301 -13.27 11.44 11.88
N THR A 302 -13.95 11.15 13.00
CA THR A 302 -13.33 11.36 14.30
C THR A 302 -12.14 10.44 14.51
N THR A 303 -12.31 9.17 14.15
CA THR A 303 -11.25 8.18 14.26
C THR A 303 -10.06 8.65 13.42
N LEU A 304 -10.37 9.12 12.22
CA LEU A 304 -9.36 9.60 11.29
C LEU A 304 -8.59 10.80 11.83
N LEU A 305 -9.31 11.77 12.39
CA LEU A 305 -8.65 12.96 12.93
C LEU A 305 -7.83 12.64 14.19
N LYS A 306 -8.29 11.67 14.97
CA LYS A 306 -7.58 11.29 16.18
C LYS A 306 -6.25 10.67 15.76
N ALA A 307 -6.30 9.82 14.73
CA ALA A 307 -5.10 9.17 14.22
C ALA A 307 -4.13 10.20 13.68
N TYR A 308 -4.67 11.18 12.96
CA TYR A 308 -3.87 12.25 12.37
C TYR A 308 -3.12 13.03 13.46
N GLN A 309 -3.82 13.40 14.52
CA GLN A 309 -3.21 14.13 15.62
C GLN A 309 -2.09 13.33 16.30
N GLY A 310 -2.38 12.07 16.60
CA GLY A 310 -1.39 11.22 17.23
C GLY A 310 -0.17 10.99 16.36
N LEU A 311 -0.40 10.79 15.07
CA LEU A 311 0.70 10.55 14.14
C LEU A 311 1.68 11.73 14.15
N ILE A 312 1.16 12.93 14.00
CA ILE A 312 2.01 14.12 13.98
C ILE A 312 2.69 14.33 15.33
N GLN A 313 1.92 14.20 16.39
CA GLN A 313 2.40 14.40 17.74
C GLN A 313 3.40 13.37 18.26
N HIS A 314 3.16 12.10 17.94
CA HIS A 314 4.02 11.03 18.43
C HIS A 314 5.05 10.45 17.48
N LYS A 315 4.83 10.57 16.17
CA LYS A 315 5.76 9.99 15.20
C LYS A 315 6.51 10.94 14.29
N THR A 316 6.27 12.24 14.38
CA THR A 316 6.98 13.17 13.50
C THR A 316 7.73 14.25 14.26
N GLU A 317 8.70 14.86 13.58
CA GLU A 317 9.49 15.94 14.14
C GLU A 317 10.36 16.54 13.04
N THR A 318 10.87 17.74 13.29
CA THR A 318 11.73 18.41 12.33
C THR A 318 13.12 18.49 12.95
N SER A 319 14.12 17.96 12.24
CA SER A 319 15.48 17.96 12.75
C SER A 319 16.01 19.36 12.96
N GLU A 320 17.14 19.45 13.66
CA GLU A 320 17.79 20.72 13.94
C GLU A 320 18.24 21.33 12.61
N ASP A 321 18.19 20.51 11.55
CA ASP A 321 18.60 20.94 10.22
C ASP A 321 17.42 21.25 9.30
N GLY A 322 16.20 21.04 9.79
CA GLY A 322 15.02 21.34 8.99
C GLY A 322 14.42 20.19 8.23
N ALA A 323 14.88 18.97 8.51
CA ALA A 323 14.35 17.79 7.83
C ALA A 323 13.12 17.28 8.55
N PHE A 324 12.08 16.92 7.80
CA PHE A 324 10.87 16.39 8.39
C PHE A 324 11.03 14.88 8.51
N LEU A 325 10.93 14.37 9.73
CA LEU A 325 11.12 12.95 10.02
C LEU A 325 9.89 12.21 10.52
N VAL A 326 9.61 11.06 9.92
CA VAL A 326 8.50 10.22 10.33
C VAL A 326 9.22 8.97 10.86
N LYS A 327 9.15 8.75 12.17
CA LYS A 327 9.81 7.60 12.76
C LYS A 327 8.91 6.40 12.97
N ASP A 328 9.52 5.33 13.46
CA ASP A 328 8.83 4.08 13.73
C ASP A 328 8.11 3.42 12.55
N ILE A 329 8.76 3.47 11.39
CA ILE A 329 8.24 2.81 10.20
C ILE A 329 8.95 1.45 10.20
N CYS A 330 8.17 0.37 10.24
CA CYS A 330 8.74 -0.97 10.22
C CYS A 330 9.50 -1.21 8.92
N VAL A 331 10.72 -1.74 9.01
CA VAL A 331 11.52 -2.01 7.81
C VAL A 331 10.90 -3.15 6.98
N GLY A 332 11.47 -3.40 5.80
CA GLY A 332 10.97 -4.49 4.97
C GLY A 332 10.85 -5.74 5.83
N THR A 333 9.69 -6.38 5.78
CA THR A 333 9.42 -7.56 6.63
C THR A 333 8.69 -8.69 5.92
N SER A 334 9.06 -9.94 6.23
CA SER A 334 8.45 -11.11 5.61
C SER A 334 7.39 -11.75 6.53
N ALA A 335 6.79 -12.84 6.07
CA ALA A 335 5.79 -13.55 6.86
C ALA A 335 6.50 -14.30 7.97
N GLY A 336 5.92 -14.31 9.17
CA GLY A 336 6.57 -15.02 10.27
C GLY A 336 5.79 -15.11 11.58
N PHE A 337 6.53 -15.19 12.68
CA PHE A 337 5.96 -15.32 14.02
C PHE A 337 5.97 -14.01 14.81
N TYR A 338 5.18 -13.98 15.88
CA TYR A 338 5.07 -12.80 16.73
C TYR A 338 6.42 -12.18 17.11
N ASP A 339 7.31 -12.98 17.70
CA ASP A 339 8.61 -12.45 18.11
C ASP A 339 9.38 -11.85 16.95
N TYR A 340 9.18 -12.41 15.76
CA TYR A 340 9.84 -11.89 14.57
C TYR A 340 9.30 -10.49 14.26
N TYR A 341 7.99 -10.36 14.22
CA TYR A 341 7.36 -9.06 13.92
C TYR A 341 7.72 -7.94 14.89
N VAL A 342 7.63 -8.20 16.20
CA VAL A 342 7.93 -7.14 17.16
C VAL A 342 9.41 -6.76 17.23
N SER A 343 10.28 -7.65 16.73
CA SER A 343 11.71 -7.40 16.75
C SER A 343 12.20 -6.67 15.51
N ARG A 344 11.31 -6.41 14.56
CA ARG A 344 11.70 -5.72 13.34
C ARG A 344 12.23 -4.34 13.66
N GLU A 345 13.25 -3.93 12.92
CA GLU A 345 13.87 -2.62 13.09
C GLU A 345 12.84 -1.50 12.83
N ARG A 346 12.87 -0.46 13.66
CA ARG A 346 11.96 0.68 13.50
C ARG A 346 12.82 1.77 12.86
N SER A 347 12.50 2.12 11.62
CA SER A 347 13.29 3.10 10.90
C SER A 347 12.60 4.43 10.63
N THR A 348 13.39 5.44 10.29
CA THR A 348 12.87 6.77 10.00
C THR A 348 12.90 7.09 8.51
N ASN A 349 11.75 7.52 8.00
CA ASN A 349 11.60 7.89 6.59
C ASN A 349 11.81 6.78 5.56
N ASP A 350 11.55 5.53 5.93
CA ASP A 350 11.66 4.44 4.97
C ASP A 350 10.64 4.75 3.88
N LEU A 351 11.00 4.49 2.62
CA LEU A 351 10.13 4.81 1.49
C LEU A 351 8.70 4.28 1.44
N HIS A 352 8.47 3.04 1.85
CA HIS A 352 7.09 2.55 1.82
C HIS A 352 6.26 3.31 2.85
N GLY A 353 6.87 3.59 4.00
CA GLY A 353 6.17 4.35 5.03
C GLY A 353 5.97 5.79 4.60
N ALA A 354 6.96 6.36 3.91
CA ALA A 354 6.88 7.74 3.45
C ALA A 354 5.78 7.88 2.41
N GLY A 355 5.67 6.87 1.54
CA GLY A 355 4.65 6.88 0.51
C GLY A 355 3.26 6.78 1.15
N ALA A 356 3.15 5.93 2.17
CA ALA A 356 1.88 5.76 2.88
C ALA A 356 1.46 7.07 3.53
N PHE A 357 2.43 7.75 4.14
CA PHE A 357 2.21 9.02 4.82
C PHE A 357 1.68 10.08 3.85
N ILE A 358 2.41 10.27 2.76
CA ILE A 358 2.04 11.25 1.75
C ILE A 358 0.67 10.95 1.16
N LEU A 359 0.42 9.69 0.78
CA LEU A 359 -0.88 9.34 0.20
C LEU A 359 -2.00 9.64 1.20
N ALA A 360 -1.80 9.28 2.46
CA ALA A 360 -2.79 9.54 3.50
C ALA A 360 -3.10 11.04 3.59
N MET A 361 -2.07 11.88 3.58
CA MET A 361 -2.29 13.33 3.66
C MET A 361 -3.13 13.87 2.49
N THR A 362 -2.91 13.36 1.28
CA THR A 362 -3.67 13.83 0.13
C THR A 362 -5.16 13.48 0.21
N GLU A 363 -5.53 12.36 0.83
CA GLU A 363 -6.93 11.99 0.95
C GLU A 363 -7.56 12.69 2.16
N LEU A 364 -6.71 12.99 3.14
CA LEU A 364 -7.17 13.64 4.36
C LEU A 364 -7.47 15.13 4.17
N GLU A 365 -6.65 15.80 3.35
CA GLU A 365 -6.80 17.21 3.07
C GLU A 365 -8.25 17.66 2.87
N PRO A 366 -9.00 17.01 1.96
CA PRO A 366 -10.40 17.38 1.71
C PRO A 366 -11.26 17.36 2.98
N LEU A 367 -11.15 16.27 3.73
CA LEU A 367 -11.93 16.12 4.96
C LEU A 367 -11.50 17.10 6.01
N PHE A 368 -10.21 17.39 6.05
CA PHE A 368 -9.67 18.32 7.01
C PHE A 368 -10.26 19.71 6.78
N ARG A 369 -10.36 20.09 5.51
CA ARG A 369 -10.89 21.41 5.17
C ARG A 369 -12.41 21.60 5.27
N SER A 370 -13.16 20.51 5.16
CA SER A 370 -14.62 20.59 5.25
C SER A 370 -15.15 20.21 6.64
N ALA A 371 -14.25 19.87 7.55
CA ALA A 371 -14.64 19.47 8.90
C ALA A 371 -15.53 20.51 9.57
N GLY A 372 -16.59 20.04 10.22
CA GLY A 372 -17.52 20.92 10.92
C GLY A 372 -18.67 21.46 10.07
N LYS A 373 -18.53 21.38 8.75
CA LYS A 373 -19.56 21.89 7.85
C LYS A 373 -20.68 20.91 7.60
#